data_4KT7
#
_entry.id   4KT7
#
_cell.length_a   87.858
_cell.length_b   145.509
_cell.length_c   36.719
_cell.angle_alpha   90.00
_cell.angle_beta   90.00
_cell.angle_gamma   90.00
#
_symmetry.space_group_name_H-M   'P 21 21 2'
#
loop_
_entity.id
_entity.type
_entity.pdbx_description
1 polymer '2-C-methyl-D-erythritol 4-phosphate cytidylyltransferase'
2 non-polymer 'CHLORIDE ION'
3 non-polymer 'SODIUM ION'
4 water water
#
_entity_poly.entity_id   1
_entity_poly.type   'polypeptide(L)'
_entity_poly.pdbx_seq_one_letter_code
;SNA(MSE)IDGKFISAIITAAGSGLR(MSE)RSKINKPYIEVGGRKVLEITLDTVSRVKEIDEIILVIRKDDEDIIKDIL
EKYDGNIRYVYGSTTRELSTFEGLKALDPQSELVLTHDGVRPFASEELFLKTINALRKNKAVITATKSKDTVKIIDDD
(MSE)YVDFTPNRDYVYNIQTPQAFDKKLIYA(MSE)YEKYLASEFKVTDDSQLFEFFDRDEKVKVVHGEYSNIKITTQE
DIIFANAYLQRKKDV
;
_entity_poly.pdbx_strand_id   A,B
#
loop_
_chem_comp.id
_chem_comp.type
_chem_comp.name
_chem_comp.formula
CL non-polymer 'CHLORIDE ION' 'Cl -1'
NA non-polymer 'SODIUM ION' 'Na 1'
#
# COMPACT_ATOMS: atom_id res chain seq x y z
N SER A 1 -18.08 -22.65 -17.19
CA SER A 1 -17.13 -23.68 -16.81
C SER A 1 -15.89 -23.66 -17.69
N ASN A 2 -14.93 -24.52 -17.35
CA ASN A 2 -13.67 -24.67 -18.07
C ASN A 2 -13.39 -26.15 -18.34
N ALA A 3 -12.93 -26.50 -19.54
CA ALA A 3 -12.58 -27.89 -19.88
C ALA A 3 -11.39 -28.46 -19.08
N MSE A 4 -10.47 -27.59 -18.70
CA MSE A 4 -9.29 -28.00 -17.93
C MSE A 4 -9.61 -28.15 -16.44
O MSE A 4 -8.79 -28.66 -15.66
CB MSE A 4 -8.14 -27.00 -18.15
CG MSE A 4 -7.57 -27.01 -19.56
SE MSE A 4 -6.51 -28.59 -19.97
CE MSE A 4 -4.89 -28.10 -19.01
N ILE A 5 -10.81 -27.74 -16.07
CA ILE A 5 -11.26 -27.88 -14.68
C ILE A 5 -12.53 -28.73 -14.59
N ASP A 6 -12.48 -29.91 -15.22
CA ASP A 6 -13.54 -30.93 -15.16
C ASP A 6 -14.92 -30.44 -15.58
N GLY A 7 -14.99 -29.32 -16.29
CA GLY A 7 -16.25 -28.76 -16.71
C GLY A 7 -17.11 -28.37 -15.53
N LYS A 8 -16.47 -28.11 -14.39
CA LYS A 8 -17.18 -27.69 -13.18
C LYS A 8 -17.84 -26.35 -13.36
N PHE A 9 -19.06 -26.23 -12.85
CA PHE A 9 -19.85 -24.99 -12.87
C PHE A 9 -19.16 -23.95 -11.98
N ILE A 10 -18.92 -22.76 -12.52
CA ILE A 10 -18.24 -21.68 -11.78
C ILE A 10 -19.21 -20.54 -11.47
N SER A 11 -19.26 -20.13 -10.21
CA SER A 11 -20.09 -18.98 -9.81
C SER A 11 -19.20 -17.80 -9.43
N ALA A 12 -19.66 -16.58 -9.67
CA ALA A 12 -18.96 -15.39 -9.17
C ALA A 12 -19.89 -14.61 -8.27
N ILE A 13 -19.34 -14.17 -7.14
CA ILE A 13 -20.03 -13.34 -6.17
C ILE A 13 -19.35 -11.97 -6.19
N ILE A 14 -20.07 -10.93 -6.62
CA ILE A 14 -19.56 -9.56 -6.66
C ILE A 14 -20.18 -8.79 -5.48
N THR A 15 -19.37 -8.37 -4.52
CA THR A 15 -19.96 -7.68 -3.38
C THR A 15 -20.07 -6.19 -3.61
N ALA A 16 -21.30 -5.68 -3.58
CA ALA A 16 -21.54 -4.25 -3.63
C ALA A 16 -22.46 -3.79 -2.48
N ALA A 17 -22.32 -4.42 -1.32
CA ALA A 17 -23.20 -4.16 -0.20
C ALA A 17 -22.46 -3.53 0.97
N GLY A 18 -21.42 -2.76 0.67
CA GLY A 18 -20.74 -1.98 1.70
C GLY A 18 -21.49 -0.68 1.88
N SER A 19 -20.90 0.41 1.39
CA SER A 19 -21.64 1.66 1.23
C SER A 19 -22.45 1.53 -0.06
N GLY A 20 -22.15 0.47 -0.82
CA GLY A 20 -22.86 0.16 -2.02
C GLY A 20 -22.61 1.16 -3.13
N LEU A 21 -23.68 1.60 -3.78
N LEU A 21 -23.69 1.61 -3.76
CA LEU A 21 -23.58 2.46 -4.94
CA LEU A 21 -23.61 2.47 -4.93
C LEU A 21 -23.36 3.94 -4.56
C LEU A 21 -23.37 3.93 -4.57
N ARG A 22 -23.76 4.31 -3.36
CA ARG A 22 -23.62 5.69 -2.90
C ARG A 22 -22.59 5.83 -1.78
N MSE A 23 -22.16 7.06 -1.52
CA MSE A 23 -21.09 7.36 -0.57
C MSE A 23 -21.51 8.37 0.50
O MSE A 23 -22.00 8.01 1.57
CB MSE A 23 -19.86 7.85 -1.32
CG MSE A 23 -18.76 8.44 -0.44
SE MSE A 23 -17.13 8.88 -1.44
CE MSE A 23 -16.10 9.69 0.01
N PRO A 30 -24.44 10.51 -2.69
CA PRO A 30 -23.61 10.83 -3.87
C PRO A 30 -23.07 9.57 -4.54
N TYR A 31 -23.42 9.36 -5.81
CA TYR A 31 -23.00 8.16 -6.53
C TYR A 31 -21.50 8.05 -6.81
N ILE A 32 -20.96 6.88 -6.48
CA ILE A 32 -19.58 6.53 -6.78
C ILE A 32 -19.44 6.38 -8.30
N GLU A 33 -18.89 7.42 -8.93
CA GLU A 33 -18.69 7.42 -10.38
C GLU A 33 -17.26 7.75 -10.76
N VAL A 34 -16.84 7.14 -11.87
CA VAL A 34 -15.48 7.27 -12.34
C VAL A 34 -15.55 7.29 -13.88
N GLY A 35 -14.91 8.27 -14.50
CA GLY A 35 -14.95 8.39 -15.94
C GLY A 35 -16.33 8.55 -16.56
N GLY A 36 -17.33 8.86 -15.74
CA GLY A 36 -18.67 9.05 -16.24
C GLY A 36 -19.52 7.79 -16.16
N ARG A 37 -19.00 6.79 -15.46
N ARG A 37 -19.03 6.78 -15.45
CA ARG A 37 -19.68 5.51 -15.28
CA ARG A 37 -19.75 5.52 -15.31
C ARG A 37 -19.71 5.14 -13.80
C ARG A 37 -19.69 5.04 -13.86
N LYS A 38 -20.81 4.53 -13.36
CA LYS A 38 -20.88 4.00 -12.01
C LYS A 38 -19.82 2.91 -11.86
N VAL A 39 -19.06 2.93 -10.77
CA VAL A 39 -17.98 1.98 -10.58
C VAL A 39 -18.41 0.52 -10.73
N LEU A 40 -19.59 0.20 -10.23
CA LEU A 40 -20.06 -1.18 -10.26
C LEU A 40 -20.32 -1.60 -11.70
N GLU A 41 -20.73 -0.66 -12.54
CA GLU A 41 -21.01 -0.97 -13.95
C GLU A 41 -19.74 -1.34 -14.70
N ILE A 42 -18.65 -0.64 -14.42
CA ILE A 42 -17.37 -0.93 -15.07
C ILE A 42 -16.93 -2.35 -14.67
N THR A 43 -17.11 -2.67 -13.39
CA THR A 43 -16.74 -3.97 -12.87
C THR A 43 -17.56 -5.07 -13.51
N LEU A 44 -18.88 -4.87 -13.50
CA LEU A 44 -19.82 -5.86 -14.01
C LEU A 44 -19.62 -6.06 -15.52
N ASP A 45 -19.28 -4.97 -16.21
CA ASP A 45 -18.93 -5.06 -17.62
C ASP A 45 -17.81 -6.06 -17.81
N THR A 46 -16.74 -5.92 -17.03
CA THR A 46 -15.62 -6.84 -17.16
C THR A 46 -15.99 -8.28 -16.82
N VAL A 47 -16.64 -8.50 -15.67
CA VAL A 47 -16.97 -9.87 -15.24
C VAL A 47 -17.92 -10.57 -16.21
N SER A 48 -18.86 -9.83 -16.77
CA SER A 48 -19.84 -10.47 -17.65
C SER A 48 -19.21 -10.91 -18.98
N ARG A 49 -18.02 -10.39 -19.28
CA ARG A 49 -17.25 -10.82 -20.47
C ARG A 49 -16.48 -12.13 -20.26
N VAL A 50 -16.41 -12.61 -19.02
CA VAL A 50 -15.71 -13.87 -18.73
C VAL A 50 -16.66 -15.07 -18.84
N LYS A 51 -16.60 -15.76 -19.98
CA LYS A 51 -17.54 -16.80 -20.31
C LYS A 51 -17.31 -18.09 -19.52
N GLU A 52 -16.14 -18.21 -18.90
CA GLU A 52 -15.86 -19.34 -18.01
C GLU A 52 -16.74 -19.28 -16.77
N ILE A 53 -17.15 -18.09 -16.38
CA ILE A 53 -18.03 -17.92 -15.22
C ILE A 53 -19.46 -18.25 -15.66
N ASP A 54 -20.12 -19.17 -14.96
CA ASP A 54 -21.45 -19.63 -15.39
C ASP A 54 -22.60 -18.80 -14.84
N GLU A 55 -22.38 -18.13 -13.72
CA GLU A 55 -23.40 -17.26 -13.14
C GLU A 55 -22.75 -16.18 -12.29
N ILE A 56 -23.45 -15.06 -12.14
CA ILE A 56 -22.93 -13.94 -11.36
C ILE A 56 -23.95 -13.50 -10.32
N ILE A 57 -23.54 -13.48 -9.06
CA ILE A 57 -24.38 -13.06 -7.95
C ILE A 57 -23.87 -11.74 -7.41
N LEU A 58 -24.70 -10.70 -7.49
CA LEU A 58 -24.39 -9.41 -6.90
C LEU A 58 -24.94 -9.39 -5.48
N VAL A 59 -24.15 -8.94 -4.54
CA VAL A 59 -24.70 -8.77 -3.22
C VAL A 59 -24.80 -7.27 -2.97
N ILE A 60 -26.02 -6.80 -2.72
CA ILE A 60 -26.29 -5.37 -2.69
C ILE A 60 -26.87 -4.86 -1.38
N ARG A 61 -26.89 -3.54 -1.22
CA ARG A 61 -27.67 -2.91 -0.17
C ARG A 61 -29.11 -2.85 -0.65
N LYS A 62 -30.07 -3.09 0.24
CA LYS A 62 -31.47 -3.04 -0.14
C LYS A 62 -31.86 -1.69 -0.73
N ASP A 63 -31.23 -0.63 -0.23
CA ASP A 63 -31.56 0.73 -0.66
C ASP A 63 -31.15 1.03 -2.11
N ASP A 64 -30.24 0.22 -2.65
CA ASP A 64 -29.73 0.42 -4.01
C ASP A 64 -30.47 -0.45 -5.03
N GLU A 65 -31.53 -1.14 -4.60
CA GLU A 65 -32.19 -2.14 -5.45
C GLU A 65 -32.72 -1.61 -6.79
N ASP A 66 -33.40 -0.48 -6.77
CA ASP A 66 -33.96 0.11 -7.99
C ASP A 66 -32.90 0.44 -9.03
N ILE A 67 -31.82 1.08 -8.59
CA ILE A 67 -30.70 1.38 -9.48
C ILE A 67 -29.97 0.10 -9.90
N ILE A 68 -29.94 -0.89 -9.01
CA ILE A 68 -29.38 -2.19 -9.37
C ILE A 68 -30.15 -2.85 -10.51
N LYS A 69 -31.48 -2.79 -10.43
CA LYS A 69 -32.34 -3.32 -11.49
C LYS A 69 -32.07 -2.63 -12.83
N ASP A 70 -31.90 -1.32 -12.80
CA ASP A 70 -31.69 -0.54 -14.01
C ASP A 70 -30.35 -0.92 -14.64
N ILE A 71 -29.36 -1.12 -13.79
CA ILE A 71 -28.05 -1.50 -14.26
C ILE A 71 -28.10 -2.90 -14.86
N LEU A 72 -28.86 -3.80 -14.24
CA LEU A 72 -28.91 -5.20 -14.68
C LEU A 72 -29.68 -5.44 -15.98
N GLU A 73 -30.52 -4.48 -16.37
CA GLU A 73 -31.29 -4.65 -17.61
C GLU A 73 -30.39 -4.70 -18.83
N LYS A 74 -29.27 -4.00 -18.76
CA LYS A 74 -28.33 -3.94 -19.87
C LYS A 74 -27.64 -5.30 -20.10
N TYR A 75 -27.68 -6.18 -19.09
CA TYR A 75 -27.03 -7.47 -19.19
C TYR A 75 -27.97 -8.65 -19.52
N ASP A 76 -27.53 -9.47 -20.49
CA ASP A 76 -28.28 -10.65 -20.92
C ASP A 76 -28.08 -11.85 -20.00
N GLY A 77 -26.88 -11.96 -19.45
CA GLY A 77 -26.41 -13.18 -18.82
C GLY A 77 -27.16 -13.70 -17.60
N ASN A 78 -26.63 -14.78 -17.04
CA ASN A 78 -27.16 -15.37 -15.83
C ASN A 78 -26.68 -14.55 -14.64
N ILE A 79 -27.24 -13.36 -14.51
CA ILE A 79 -26.85 -12.43 -13.45
C ILE A 79 -28.05 -12.11 -12.57
N ARG A 80 -27.90 -12.26 -11.26
CA ARG A 80 -28.96 -11.87 -10.35
C ARG A 80 -28.38 -11.28 -9.09
N TYR A 81 -29.23 -10.86 -8.17
CA TYR A 81 -28.77 -10.22 -6.95
C TYR A 81 -29.49 -10.73 -5.71
N VAL A 82 -28.79 -10.66 -4.57
CA VAL A 82 -29.38 -10.90 -3.25
C VAL A 82 -29.03 -9.72 -2.34
N TYR A 83 -29.77 -9.56 -1.25
CA TYR A 83 -29.49 -8.50 -0.30
C TYR A 83 -28.27 -8.90 0.54
N GLY A 84 -27.42 -7.94 0.87
CA GLY A 84 -26.28 -8.22 1.73
C GLY A 84 -26.65 -8.10 3.20
N SER A 85 -25.66 -8.07 4.08
CA SER A 85 -25.95 -7.99 5.50
C SER A 85 -25.13 -6.88 6.16
N THR A 86 -24.75 -7.08 7.42
CA THR A 86 -24.13 -6.00 8.19
C THR A 86 -22.59 -6.03 8.28
N THR A 87 -21.95 -7.09 7.76
CA THR A 87 -20.49 -7.11 7.64
C THR A 87 -20.13 -7.69 6.28
N ARG A 88 -18.89 -7.50 5.86
CA ARG A 88 -18.42 -8.09 4.61
C ARG A 88 -18.69 -9.58 4.61
N GLU A 89 -18.40 -10.24 5.74
CA GLU A 89 -18.52 -11.68 5.79
C GLU A 89 -19.97 -12.16 5.70
N LEU A 90 -20.86 -11.53 6.46
CA LEU A 90 -22.27 -11.90 6.42
C LEU A 90 -22.87 -11.64 5.05
N SER A 91 -22.38 -10.58 4.39
CA SER A 91 -22.75 -10.33 3.01
C SER A 91 -22.29 -11.45 2.08
N THR A 92 -21.04 -11.86 2.21
CA THR A 92 -20.51 -12.94 1.38
C THR A 92 -21.34 -14.22 1.57
N PHE A 93 -21.72 -14.50 2.81
CA PHE A 93 -22.51 -15.70 3.08
C PHE A 93 -23.88 -15.68 2.43
N GLU A 94 -24.51 -14.51 2.37
CA GLU A 94 -25.77 -14.39 1.64
C GLU A 94 -25.52 -14.73 0.17
N GLY A 95 -24.36 -14.30 -0.34
CA GLY A 95 -23.99 -14.60 -1.71
C GLY A 95 -23.78 -16.10 -1.85
N LEU A 96 -23.08 -16.73 -0.90
CA LEU A 96 -22.81 -18.17 -0.96
C LEU A 96 -24.06 -19.02 -0.85
N LYS A 97 -25.03 -18.57 -0.06
CA LYS A 97 -26.31 -19.27 0.08
C LYS A 97 -27.14 -19.26 -1.19
N ALA A 98 -26.91 -18.26 -2.04
CA ALA A 98 -27.73 -18.06 -3.24
C ALA A 98 -27.15 -18.71 -4.50
N LEU A 99 -26.05 -19.44 -4.36
CA LEU A 99 -25.40 -20.05 -5.51
C LEU A 99 -26.25 -21.22 -6.05
N ASP A 100 -26.18 -21.41 -7.37
CA ASP A 100 -26.81 -22.55 -8.04
C ASP A 100 -26.38 -23.85 -7.37
N PRO A 101 -27.29 -24.83 -7.22
CA PRO A 101 -26.95 -26.11 -6.59
C PRO A 101 -25.81 -26.84 -7.28
N GLN A 102 -25.62 -26.56 -8.57
CA GLN A 102 -24.57 -27.20 -9.36
C GLN A 102 -23.19 -26.55 -9.14
N SER A 103 -23.16 -25.39 -8.48
CA SER A 103 -21.90 -24.67 -8.35
C SER A 103 -20.79 -25.47 -7.63
N GLU A 104 -19.65 -25.67 -8.27
CA GLU A 104 -18.55 -26.36 -7.60
C GLU A 104 -17.36 -25.47 -7.31
N LEU A 105 -17.31 -24.31 -7.96
CA LEU A 105 -16.20 -23.35 -7.77
C LEU A 105 -16.77 -21.96 -7.62
N VAL A 106 -16.20 -21.15 -6.73
CA VAL A 106 -16.72 -19.79 -6.55
C VAL A 106 -15.59 -18.77 -6.54
N LEU A 107 -15.76 -17.74 -7.36
CA LEU A 107 -14.85 -16.60 -7.38
C LEU A 107 -15.56 -15.42 -6.71
N THR A 108 -14.83 -14.68 -5.88
CA THR A 108 -15.40 -13.51 -5.23
C THR A 108 -14.65 -12.29 -5.72
N HIS A 109 -15.31 -11.14 -5.77
CA HIS A 109 -14.61 -9.92 -6.19
C HIS A 109 -15.35 -8.70 -5.67
N ASP A 110 -14.60 -7.66 -5.30
CA ASP A 110 -15.18 -6.41 -4.78
C ASP A 110 -15.80 -5.62 -5.91
N GLY A 111 -17.08 -5.28 -5.77
CA GLY A 111 -17.72 -4.41 -6.73
C GLY A 111 -16.99 -3.09 -6.96
N VAL A 112 -16.29 -2.59 -5.94
CA VAL A 112 -15.57 -1.32 -6.10
C VAL A 112 -14.11 -1.45 -6.55
N ARG A 113 -13.77 -2.57 -7.19
CA ARG A 113 -12.47 -2.73 -7.85
C ARG A 113 -12.72 -2.86 -9.35
N PRO A 114 -12.97 -1.74 -10.01
CA PRO A 114 -13.45 -1.74 -11.41
C PRO A 114 -12.38 -2.06 -12.45
N PHE A 115 -11.11 -2.02 -12.05
CA PHE A 115 -10.04 -2.07 -13.04
C PHE A 115 -9.36 -3.44 -13.21
N ALA A 116 -9.76 -4.44 -12.42
CA ALA A 116 -9.23 -5.79 -12.61
C ALA A 116 -9.50 -6.23 -14.05
N SER A 117 -8.45 -6.64 -14.76
CA SER A 117 -8.61 -6.98 -16.18
C SER A 117 -9.28 -8.33 -16.26
N GLU A 118 -9.84 -8.62 -17.42
CA GLU A 118 -10.40 -9.94 -17.69
C GLU A 118 -9.35 -11.04 -17.53
N GLU A 119 -8.12 -10.76 -17.93
CA GLU A 119 -7.01 -11.71 -17.79
C GLU A 119 -6.74 -12.09 -16.33
N LEU A 120 -6.94 -11.15 -15.42
CA LEU A 120 -6.71 -11.44 -14.01
C LEU A 120 -7.75 -12.42 -13.49
N PHE A 121 -9.00 -12.25 -13.94
CA PHE A 121 -10.04 -13.22 -13.57
C PHE A 121 -9.78 -14.61 -14.13
N LEU A 122 -9.34 -14.67 -15.40
CA LEU A 122 -8.98 -15.94 -16.02
C LEU A 122 -7.82 -16.61 -15.30
N LYS A 123 -6.81 -15.82 -14.92
CA LYS A 123 -5.66 -16.37 -14.21
C LYS A 123 -6.06 -16.93 -12.86
N THR A 124 -6.98 -16.24 -12.20
CA THR A 124 -7.47 -16.69 -10.90
C THR A 124 -8.25 -17.99 -11.08
N ILE A 125 -9.10 -18.04 -12.09
CA ILE A 125 -9.85 -19.28 -12.38
C ILE A 125 -8.93 -20.45 -12.73
N ASN A 126 -7.95 -20.23 -13.60
CA ASN A 126 -7.02 -21.30 -13.99
C ASN A 126 -6.18 -21.85 -12.83
N ALA A 127 -5.96 -21.05 -11.79
CA ALA A 127 -5.21 -21.55 -10.64
C ALA A 127 -6.06 -22.59 -9.85
N LEU A 128 -7.37 -22.58 -10.07
CA LEU A 128 -8.24 -23.57 -9.41
C LEU A 128 -8.06 -24.96 -9.97
N ARG A 129 -7.34 -25.10 -11.08
CA ARG A 129 -7.11 -26.43 -11.64
C ARG A 129 -6.38 -27.36 -10.67
N LYS A 130 -5.45 -26.80 -9.89
CA LYS A 130 -4.67 -27.62 -8.97
C LYS A 130 -4.68 -27.13 -7.53
N ASN A 131 -5.43 -26.07 -7.25
CA ASN A 131 -5.49 -25.56 -5.88
C ASN A 131 -6.93 -25.35 -5.48
N LYS A 132 -7.22 -25.46 -4.19
CA LYS A 132 -8.60 -25.27 -3.75
C LYS A 132 -8.87 -23.87 -3.24
N ALA A 133 -7.81 -23.06 -3.12
CA ALA A 133 -7.95 -21.66 -2.74
C ALA A 133 -6.92 -20.86 -3.48
N VAL A 134 -7.34 -19.70 -3.99
CA VAL A 134 -6.50 -18.86 -4.84
C VAL A 134 -6.77 -17.40 -4.45
N ILE A 135 -5.73 -16.60 -4.25
CA ILE A 135 -5.96 -15.16 -4.04
C ILE A 135 -5.07 -14.35 -4.96
N THR A 136 -5.44 -13.10 -5.23
CA THR A 136 -4.61 -12.22 -6.06
C THR A 136 -3.88 -11.27 -5.10
N ALA A 137 -2.61 -10.95 -5.38
CA ALA A 137 -1.84 -10.11 -4.47
C ALA A 137 -0.69 -9.48 -5.25
N THR A 138 -0.12 -8.39 -4.72
CA THR A 138 0.99 -7.71 -5.40
C THR A 138 2.12 -7.45 -4.41
N LYS A 139 3.36 -7.61 -4.88
CA LYS A 139 4.50 -7.38 -4.01
C LYS A 139 4.42 -5.94 -3.51
N SER A 140 4.61 -5.75 -2.21
CA SER A 140 4.47 -4.41 -1.66
C SER A 140 5.60 -3.54 -2.16
N LYS A 141 5.23 -2.42 -2.76
CA LYS A 141 6.18 -1.42 -3.16
C LYS A 141 6.65 -0.56 -1.98
N ASP A 142 5.81 -0.41 -0.96
CA ASP A 142 6.23 0.30 0.25
C ASP A 142 6.88 -0.69 1.21
N THR A 143 7.94 -0.28 1.90
CA THR A 143 8.62 -1.21 2.79
C THR A 143 7.86 -1.42 4.09
N VAL A 144 7.56 -2.68 4.40
CA VAL A 144 6.82 -3.06 5.59
C VAL A 144 7.72 -3.37 6.79
N LYS A 145 7.29 -2.95 7.98
CA LYS A 145 7.94 -3.37 9.22
C LYS A 145 6.89 -4.01 10.11
N ILE A 146 7.29 -5.03 10.87
CA ILE A 146 6.47 -5.51 11.96
C ILE A 146 6.90 -4.79 13.22
N ILE A 147 5.96 -4.18 13.95
CA ILE A 147 6.31 -3.39 15.12
C ILE A 147 5.64 -4.00 16.36
N ASP A 148 6.04 -3.57 17.55
CA ASP A 148 5.43 -4.12 18.79
C ASP A 148 4.48 -3.13 19.46
N ASP A 149 3.97 -3.52 20.64
CA ASP A 149 2.99 -2.70 21.36
C ASP A 149 3.53 -1.38 21.87
N ASP A 150 4.84 -1.28 22.01
CA ASP A 150 5.42 -0.02 22.49
C ASP A 150 5.89 0.86 21.34
N MSE A 151 5.45 0.54 20.13
CA MSE A 151 5.85 1.26 18.90
C MSE A 151 7.37 1.23 18.66
O MSE A 151 7.99 2.26 18.42
CB MSE A 151 5.37 2.73 18.93
CG MSE A 151 3.86 2.89 18.98
SE MSE A 151 3.07 2.47 17.27
CE MSE A 151 3.69 4.02 16.25
N TYR A 152 7.96 0.04 18.76
CA TYR A 152 9.34 -0.15 18.34
C TYR A 152 9.31 -1.16 17.22
N VAL A 153 10.32 -1.13 16.36
CA VAL A 153 10.42 -2.13 15.30
C VAL A 153 10.78 -3.50 15.88
N ASP A 154 9.95 -4.50 15.58
CA ASP A 154 10.31 -5.88 15.87
C ASP A 154 11.33 -6.35 14.86
N PHE A 155 10.94 -6.40 13.58
CA PHE A 155 11.88 -6.77 12.52
C PHE A 155 11.34 -6.32 11.16
N THR A 156 12.20 -6.34 10.15
CA THR A 156 11.82 -6.02 8.79
C THR A 156 11.69 -7.32 8.04
N PRO A 157 10.47 -7.65 7.57
CA PRO A 157 10.32 -8.91 6.85
C PRO A 157 11.09 -8.84 5.55
N ASN A 158 11.51 -10.00 5.07
CA ASN A 158 12.15 -10.09 3.76
C ASN A 158 11.20 -9.51 2.73
N ARG A 159 11.62 -8.44 2.07
CA ARG A 159 10.77 -7.67 1.15
C ARG A 159 10.23 -8.41 -0.05
N ASP A 160 10.96 -9.40 -0.52
CA ASP A 160 10.54 -10.19 -1.68
C ASP A 160 9.31 -11.04 -1.41
N TYR A 161 8.94 -11.19 -0.15
CA TYR A 161 7.85 -12.07 0.21
C TYR A 161 6.68 -11.35 0.88
N VAL A 162 6.71 -10.01 0.83
CA VAL A 162 5.65 -9.17 1.40
C VAL A 162 4.66 -8.71 0.30
N TYR A 163 3.42 -9.18 0.38
CA TYR A 163 2.40 -8.87 -0.63
C TYR A 163 1.13 -8.26 -0.06
N ASN A 164 0.55 -7.31 -0.80
CA ASN A 164 -0.72 -6.73 -0.44
C ASN A 164 -1.80 -7.43 -1.21
N ILE A 165 -2.84 -7.94 -0.55
CA ILE A 165 -3.87 -8.66 -1.27
C ILE A 165 -4.85 -7.75 -1.97
N GLN A 166 -5.49 -8.28 -3.00
CA GLN A 166 -6.58 -7.56 -3.63
C GLN A 166 -7.69 -8.59 -3.91
N THR A 167 -8.52 -8.33 -4.89
CA THR A 167 -9.47 -9.37 -5.33
C THR A 167 -9.42 -9.33 -6.85
N PRO A 168 -9.80 -10.43 -7.53
CA PRO A 168 -10.54 -11.61 -7.06
C PRO A 168 -9.75 -12.62 -6.20
N GLN A 169 -10.53 -13.48 -5.56
CA GLN A 169 -10.05 -14.64 -4.86
C GLN A 169 -10.98 -15.75 -5.36
N ALA A 170 -10.60 -17.01 -5.25
CA ALA A 170 -11.53 -18.08 -5.64
C ALA A 170 -11.24 -19.39 -4.89
N PHE A 171 -12.26 -20.23 -4.75
CA PHE A 171 -12.18 -21.43 -3.90
C PHE A 171 -13.03 -22.56 -4.43
N ASP A 172 -12.70 -23.78 -4.01
CA ASP A 172 -13.60 -24.93 -4.04
C ASP A 172 -14.86 -24.52 -3.27
N LYS A 173 -16.03 -24.66 -3.88
CA LYS A 173 -17.26 -24.15 -3.26
C LYS A 173 -17.65 -24.84 -1.94
N LYS A 174 -17.59 -26.16 -1.88
CA LYS A 174 -17.94 -26.84 -0.62
C LYS A 174 -16.97 -26.45 0.48
N LEU A 175 -15.72 -26.29 0.11
CA LEU A 175 -14.72 -25.97 1.11
C LEU A 175 -14.95 -24.60 1.68
N ILE A 176 -15.04 -23.57 0.83
CA ILE A 176 -15.27 -22.22 1.35
C ILE A 176 -16.60 -22.10 2.07
N TYR A 177 -17.65 -22.77 1.58
CA TYR A 177 -18.92 -22.75 2.28
C TYR A 177 -18.77 -23.38 3.66
N ALA A 178 -18.08 -24.52 3.74
CA ALA A 178 -17.90 -25.20 5.03
C ALA A 178 -17.09 -24.32 6.00
N MSE A 179 -16.05 -23.68 5.47
CA MSE A 179 -15.23 -22.78 6.27
C MSE A 179 -16.08 -21.63 6.79
O MSE A 179 -15.90 -21.17 7.92
CB MSE A 179 -14.09 -22.20 5.41
CG MSE A 179 -12.97 -23.17 4.98
SE MSE A 179 -12.12 -23.97 6.53
CE MSE A 179 -13.15 -25.64 6.53
N TYR A 180 -17.00 -21.15 5.96
CA TYR A 180 -17.88 -20.05 6.33
C TYR A 180 -18.82 -20.41 7.47
N GLU A 181 -19.34 -21.63 7.43
CA GLU A 181 -20.18 -22.08 8.53
C GLU A 181 -19.39 -22.18 9.84
N LYS A 182 -18.15 -22.67 9.76
CA LYS A 182 -17.25 -22.66 10.90
C LYS A 182 -16.97 -21.25 11.41
N TYR A 183 -16.76 -20.33 10.49
CA TYR A 183 -16.53 -18.93 10.86
C TYR A 183 -17.71 -18.32 11.60
N LEU A 184 -18.92 -18.57 11.09
CA LEU A 184 -20.13 -18.05 11.71
C LEU A 184 -20.31 -18.60 13.11
N ALA A 185 -19.91 -19.85 13.31
CA ALA A 185 -20.09 -20.46 14.61
C ALA A 185 -18.95 -20.09 15.55
N SER A 186 -17.99 -19.30 15.08
CA SER A 186 -16.81 -18.96 15.86
C SER A 186 -16.81 -17.51 16.35
N GLU A 187 -15.80 -17.17 17.14
CA GLU A 187 -15.60 -15.79 17.58
C GLU A 187 -14.33 -15.18 16.95
N PHE A 188 -13.89 -15.74 15.83
CA PHE A 188 -12.76 -15.22 15.06
C PHE A 188 -13.17 -14.00 14.23
N LYS A 189 -12.22 -13.09 14.03
CA LYS A 189 -12.37 -12.02 13.04
C LYS A 189 -11.29 -12.18 11.97
N VAL A 190 -11.68 -12.21 10.70
CA VAL A 190 -10.73 -12.43 9.62
C VAL A 190 -10.44 -11.17 8.82
N THR A 191 -9.24 -11.09 8.26
CA THR A 191 -8.88 -9.98 7.38
C THR A 191 -9.48 -10.21 5.99
N ASP A 192 -9.59 -11.47 5.58
CA ASP A 192 -10.19 -11.81 4.30
C ASP A 192 -10.56 -13.29 4.32
N ASP A 193 -11.27 -13.75 3.29
CA ASP A 193 -11.78 -15.12 3.33
C ASP A 193 -10.67 -16.15 3.36
N SER A 194 -9.53 -15.86 2.73
CA SER A 194 -8.48 -16.88 2.66
C SER A 194 -7.81 -17.10 4.02
N GLN A 195 -7.95 -16.14 4.95
CA GLN A 195 -7.38 -16.34 6.28
C GLN A 195 -8.15 -17.42 7.03
N LEU A 196 -9.36 -17.73 6.56
CA LEU A 196 -10.12 -18.82 7.16
C LEU A 196 -9.28 -20.10 7.16
N PHE A 197 -8.42 -20.24 6.16
CA PHE A 197 -7.62 -21.44 6.04
C PHE A 197 -6.62 -21.58 7.17
N GLU A 198 -6.17 -20.45 7.71
CA GLU A 198 -5.24 -20.47 8.82
C GLU A 198 -5.98 -20.72 10.11
N PHE A 199 -7.13 -20.07 10.28
CA PHE A 199 -7.87 -20.24 11.54
C PHE A 199 -8.34 -21.68 11.75
N PHE A 200 -8.62 -22.39 10.68
CA PHE A 200 -9.16 -23.73 10.86
C PHE A 200 -8.17 -24.82 10.49
N ASP A 201 -6.89 -24.47 10.52
CA ASP A 201 -5.82 -25.45 10.48
C ASP A 201 -5.82 -26.28 9.21
N ARG A 202 -6.18 -25.65 8.09
CA ARG A 202 -6.20 -26.36 6.82
C ARG A 202 -4.80 -26.56 6.27
N ASP A 203 -4.54 -27.74 5.72
CA ASP A 203 -3.27 -27.95 5.04
C ASP A 203 -3.39 -27.73 3.55
N GLU A 204 -4.60 -27.42 3.08
CA GLU A 204 -4.79 -26.99 1.71
C GLU A 204 -4.16 -25.61 1.58
N LYS A 205 -3.20 -25.48 0.69
CA LYS A 205 -2.47 -24.21 0.55
C LYS A 205 -3.20 -23.18 -0.32
N VAL A 206 -2.97 -21.91 -0.01
CA VAL A 206 -3.63 -20.83 -0.72
C VAL A 206 -2.66 -20.35 -1.79
N LYS A 207 -3.04 -20.51 -3.06
CA LYS A 207 -2.18 -20.13 -4.16
C LYS A 207 -2.27 -18.64 -4.40
N VAL A 208 -1.14 -18.02 -4.68
CA VAL A 208 -1.14 -16.59 -4.91
C VAL A 208 -0.96 -16.35 -6.40
N VAL A 209 -1.82 -15.52 -6.97
CA VAL A 209 -1.69 -15.11 -8.36
C VAL A 209 -1.28 -13.64 -8.35
N HIS A 210 -0.28 -13.28 -9.16
CA HIS A 210 0.12 -11.88 -9.28
C HIS A 210 -1.06 -11.02 -9.74
N GLY A 211 -1.37 -10.01 -8.94
CA GLY A 211 -2.43 -9.08 -9.27
C GLY A 211 -1.92 -7.89 -10.05
N GLU A 212 -2.70 -6.83 -10.07
CA GLU A 212 -2.38 -5.66 -10.83
C GLU A 212 -2.29 -4.47 -9.90
N TYR A 213 -1.26 -3.64 -10.07
CA TYR A 213 -1.11 -2.47 -9.21
C TYR A 213 -2.25 -1.49 -9.50
N SER A 214 -2.72 -1.49 -10.74
CA SER A 214 -3.84 -0.64 -11.12
C SER A 214 -5.18 -1.07 -10.51
N ASN A 215 -5.26 -2.28 -9.98
CA ASN A 215 -6.52 -2.83 -9.48
C ASN A 215 -6.86 -2.30 -8.07
N ILE A 216 -7.04 -0.99 -7.97
CA ILE A 216 -7.28 -0.36 -6.67
C ILE A 216 -8.77 -0.39 -6.27
N LYS A 217 -9.01 -0.27 -4.95
CA LYS A 217 -10.35 -0.17 -4.38
C LYS A 217 -10.81 1.29 -4.42
N ILE A 218 -12.07 1.53 -4.82
CA ILE A 218 -12.60 2.89 -4.89
C ILE A 218 -13.62 3.14 -3.79
N THR A 219 -13.21 3.83 -2.72
CA THR A 219 -14.13 4.12 -1.61
C THR A 219 -14.13 5.61 -1.21
N THR A 220 -12.95 6.21 -1.11
CA THR A 220 -12.84 7.59 -0.62
C THR A 220 -12.80 8.58 -1.78
N GLN A 221 -12.99 9.86 -1.46
CA GLN A 221 -12.91 10.92 -2.45
C GLN A 221 -11.53 10.95 -3.09
N GLU A 222 -10.50 10.62 -2.30
CA GLU A 222 -9.13 10.53 -2.78
C GLU A 222 -8.97 9.46 -3.86
N ASP A 223 -9.57 8.29 -3.65
CA ASP A 223 -9.50 7.18 -4.61
C ASP A 223 -10.10 7.58 -5.96
N ILE A 224 -11.22 8.30 -5.92
CA ILE A 224 -11.89 8.76 -7.13
C ILE A 224 -11.01 9.73 -7.93
N ILE A 225 -10.41 10.70 -7.23
CA ILE A 225 -9.41 11.57 -7.83
C ILE A 225 -8.29 10.73 -8.46
N PHE A 226 -7.82 9.71 -7.73
CA PHE A 226 -6.74 8.88 -8.22
C PHE A 226 -7.18 8.03 -9.41
N ALA A 227 -8.39 7.49 -9.34
CA ALA A 227 -8.90 6.65 -10.42
C ALA A 227 -9.04 7.46 -11.71
N ASN A 228 -9.60 8.66 -11.60
CA ASN A 228 -9.71 9.53 -12.78
C ASN A 228 -8.36 9.90 -13.42
N ALA A 229 -7.34 10.13 -12.60
CA ALA A 229 -6.00 10.45 -13.12
C ALA A 229 -5.37 9.24 -13.83
N TYR A 230 -5.67 8.05 -13.34
CA TYR A 230 -5.25 6.81 -14.01
C TYR A 230 -5.91 6.67 -15.37
N LEU A 231 -7.21 6.94 -15.44
CA LEU A 231 -7.97 6.84 -16.68
C LEU A 231 -7.56 7.89 -17.73
N GLN A 232 -7.12 9.06 -17.26
CA GLN A 232 -6.70 10.12 -18.17
C GLN A 232 -5.20 10.00 -18.48
N ARG A 233 -4.65 8.82 -18.34
CA ARG A 233 -3.20 8.67 -18.48
C ARG A 233 -2.85 7.99 -19.79
N ASP B 6 16.83 18.25 24.65
CA ASP B 6 18.27 18.33 24.41
C ASP B 6 18.68 19.64 23.74
N GLY B 7 19.97 19.98 23.84
CA GLY B 7 20.48 21.18 23.21
C GLY B 7 21.48 20.87 22.11
N LYS B 8 21.38 19.68 21.52
CA LYS B 8 22.35 19.22 20.52
C LYS B 8 22.15 19.86 19.15
N PHE B 9 23.24 19.90 18.37
CA PHE B 9 23.21 20.39 17.00
C PHE B 9 22.51 19.34 16.12
N ILE B 10 21.50 19.76 15.37
CA ILE B 10 20.71 18.81 14.55
C ILE B 10 20.84 19.15 13.06
N SER B 11 21.12 18.13 12.27
CA SER B 11 21.30 18.27 10.83
C SER B 11 20.16 17.61 10.10
N ALA B 12 19.75 18.18 8.99
CA ALA B 12 18.77 17.53 8.12
C ALA B 12 19.41 17.26 6.77
N ILE B 13 19.24 16.04 6.26
CA ILE B 13 19.68 15.69 4.92
C ILE B 13 18.44 15.41 4.08
N ILE B 14 18.26 16.20 3.03
CA ILE B 14 17.10 16.03 2.15
C ILE B 14 17.58 15.46 0.82
N THR B 15 17.15 14.24 0.49
CA THR B 15 17.62 13.61 -0.75
C THR B 15 16.77 14.01 -1.95
N ALA B 16 17.45 14.45 -3.02
CA ALA B 16 16.82 14.70 -4.30
C ALA B 16 17.69 14.07 -5.37
N ALA B 17 18.46 13.04 -5.00
CA ALA B 17 19.47 12.47 -5.89
C ALA B 17 19.05 11.18 -6.61
N GLY B 18 17.74 10.92 -6.67
CA GLY B 18 17.27 9.79 -7.43
C GLY B 18 17.03 10.21 -8.86
N SER B 19 15.77 10.48 -9.19
CA SER B 19 15.40 11.03 -10.48
C SER B 19 15.58 12.54 -10.44
N GLY B 20 15.70 13.07 -9.23
CA GLY B 20 15.88 14.50 -9.03
C GLY B 20 14.62 15.32 -9.26
N LEU B 21 14.81 16.51 -9.82
CA LEU B 21 13.70 17.44 -10.02
C LEU B 21 12.85 17.08 -11.25
N ARG B 22 13.23 16.00 -11.92
CA ARG B 22 12.41 15.41 -12.98
C ARG B 22 12.55 13.89 -12.95
N ILE B 32 9.31 18.17 -11.90
CA ILE B 32 8.08 17.95 -11.15
C ILE B 32 7.66 19.20 -10.37
N GLU B 33 6.41 19.61 -10.56
CA GLU B 33 5.91 20.83 -9.94
C GLU B 33 4.41 20.72 -9.63
N VAL B 34 4.05 21.02 -8.39
CA VAL B 34 2.64 20.98 -7.98
C VAL B 34 2.22 22.29 -7.33
N GLY B 35 1.01 22.74 -7.65
CA GLY B 35 0.51 24.00 -7.13
C GLY B 35 1.40 25.16 -7.55
N GLY B 36 2.02 25.04 -8.72
CA GLY B 36 2.88 26.09 -9.24
C GLY B 36 4.14 26.29 -8.41
N ARG B 37 4.62 25.20 -7.82
CA ARG B 37 5.84 25.20 -7.02
C ARG B 37 6.58 23.89 -7.24
N LYS B 38 7.88 23.97 -7.50
CA LYS B 38 8.70 22.76 -7.61
C LYS B 38 8.52 21.96 -6.32
N VAL B 39 8.42 20.63 -6.47
CA VAL B 39 8.11 19.76 -5.35
C VAL B 39 9.13 19.92 -4.23
N LEU B 40 10.41 19.94 -4.59
CA LEU B 40 11.48 20.14 -3.62
C LEU B 40 11.38 21.46 -2.84
N GLU B 41 10.79 22.48 -3.46
CA GLU B 41 10.64 23.78 -2.81
C GLU B 41 9.61 23.71 -1.69
N ILE B 42 8.51 23.01 -1.95
CA ILE B 42 7.50 22.78 -0.93
C ILE B 42 8.15 22.06 0.24
N THR B 43 8.91 21.00 -0.07
CA THR B 43 9.58 20.24 0.98
C THR B 43 10.54 21.17 1.71
N LEU B 44 11.31 21.94 0.94
CA LEU B 44 12.27 22.90 1.50
C LEU B 44 11.58 23.93 2.39
N ASP B 45 10.45 24.49 1.92
CA ASP B 45 9.67 25.45 2.68
C ASP B 45 9.35 24.92 4.06
N THR B 46 8.76 23.73 4.10
CA THR B 46 8.38 23.14 5.36
C THR B 46 9.60 22.92 6.26
N VAL B 47 10.67 22.34 5.72
CA VAL B 47 11.79 21.96 6.57
C VAL B 47 12.55 23.18 7.11
N SER B 48 12.53 24.28 6.38
CA SER B 48 13.24 25.49 6.82
C SER B 48 12.54 26.22 7.99
N ARG B 49 11.26 25.90 8.24
CA ARG B 49 10.51 26.49 9.34
C ARG B 49 10.75 25.74 10.65
N VAL B 50 11.25 24.53 10.55
CA VAL B 50 11.58 23.75 11.74
C VAL B 50 12.90 24.30 12.31
N LYS B 51 12.77 25.28 13.21
CA LYS B 51 13.92 26.02 13.70
C LYS B 51 14.86 25.16 14.54
N GLU B 52 14.33 24.08 15.10
CA GLU B 52 15.13 23.09 15.82
C GLU B 52 16.24 22.48 14.96
N ILE B 53 16.08 22.54 13.64
CA ILE B 53 17.06 21.98 12.72
C ILE B 53 18.13 23.03 12.41
N ASP B 54 19.38 22.73 12.77
CA ASP B 54 20.46 23.73 12.70
C ASP B 54 21.04 23.89 11.30
N GLU B 55 21.07 22.81 10.53
CA GLU B 55 21.57 22.89 9.15
C GLU B 55 20.80 21.95 8.24
N ILE B 56 20.72 22.32 6.97
CA ILE B 56 20.06 21.51 5.95
C ILE B 56 21.04 21.20 4.80
N ILE B 57 21.24 19.92 4.52
CA ILE B 57 22.10 19.49 3.42
C ILE B 57 21.24 18.85 2.32
N LEU B 58 21.25 19.41 1.12
CA LEU B 58 20.57 18.81 -0.02
C LEU B 58 21.53 17.85 -0.73
N VAL B 59 21.11 16.61 -0.94
CA VAL B 59 21.88 15.70 -1.77
C VAL B 59 21.25 15.67 -3.17
N ILE B 60 21.96 16.20 -4.17
CA ILE B 60 21.38 16.46 -5.50
C ILE B 60 22.08 15.73 -6.65
N ARG B 61 21.39 15.60 -7.78
CA ARG B 61 22.06 15.16 -9.00
C ARG B 61 22.88 16.34 -9.49
N LYS B 62 24.05 16.07 -10.05
CA LYS B 62 24.89 17.15 -10.55
C LYS B 62 24.19 17.93 -11.68
N ASP B 63 23.40 17.23 -12.48
CA ASP B 63 22.73 17.85 -13.63
C ASP B 63 21.71 18.92 -13.21
N ASP B 64 21.19 18.79 -12.00
CA ASP B 64 20.19 19.73 -11.51
C ASP B 64 20.83 20.86 -10.68
N GLU B 65 22.15 20.99 -10.77
CA GLU B 65 22.89 21.93 -9.92
C GLU B 65 22.43 23.37 -10.07
N ASP B 66 22.16 23.79 -11.30
CA ASP B 66 21.75 25.16 -11.58
C ASP B 66 20.36 25.46 -11.02
N ILE B 67 19.42 24.54 -11.22
CA ILE B 67 18.09 24.67 -10.66
C ILE B 67 18.16 24.76 -9.13
N ILE B 68 18.99 23.90 -8.54
CA ILE B 68 19.18 23.86 -7.09
C ILE B 68 19.75 25.18 -6.53
N LYS B 69 20.89 25.63 -7.08
CA LYS B 69 21.49 26.91 -6.73
C LYS B 69 20.46 28.03 -6.74
N ASP B 70 19.59 28.01 -7.75
CA ASP B 70 18.53 29.01 -7.91
C ASP B 70 17.50 28.93 -6.79
N ILE B 71 16.99 27.73 -6.55
CA ILE B 71 16.05 27.49 -5.46
C ILE B 71 16.59 28.01 -4.13
N LEU B 72 17.86 27.72 -3.85
CA LEU B 72 18.49 28.08 -2.58
C LEU B 72 18.68 29.58 -2.38
N GLU B 73 18.54 30.37 -3.44
CA GLU B 73 18.65 31.83 -3.35
C GLU B 73 17.47 32.39 -2.55
N LYS B 74 16.31 31.74 -2.72
CA LYS B 74 15.07 32.12 -2.07
C LYS B 74 15.17 31.99 -0.55
N TYR B 75 16.12 31.20 -0.09
CA TYR B 75 16.24 30.91 1.33
C TYR B 75 17.48 31.55 1.93
N ASP B 76 17.33 32.10 3.13
CA ASP B 76 18.46 32.46 3.97
C ASP B 76 18.61 31.33 4.96
N GLY B 77 19.56 31.46 5.90
CA GLY B 77 19.76 30.39 6.86
C GLY B 77 20.66 29.29 6.34
N ASN B 78 21.02 28.35 7.21
CA ASN B 78 22.07 27.39 6.92
C ASN B 78 21.64 26.24 6.02
N ILE B 79 21.72 26.46 4.71
CA ILE B 79 21.45 25.42 3.72
C ILE B 79 22.60 25.36 2.71
N ARG B 80 22.89 24.16 2.23
CA ARG B 80 23.90 23.94 1.22
C ARG B 80 23.64 22.58 0.55
N TYR B 81 24.34 22.29 -0.54
CA TYR B 81 24.12 21.03 -1.25
C TYR B 81 25.42 20.24 -1.50
N VAL B 82 25.26 18.94 -1.73
CA VAL B 82 26.37 18.10 -2.20
C VAL B 82 25.86 17.15 -3.28
N TYR B 83 26.76 16.71 -4.15
CA TYR B 83 26.39 15.76 -5.18
C TYR B 83 26.07 14.41 -4.58
N GLY B 84 25.02 13.77 -5.11
CA GLY B 84 24.68 12.42 -4.71
C GLY B 84 25.58 11.41 -5.41
N SER B 85 25.19 10.14 -5.37
CA SER B 85 25.97 9.08 -6.01
C SER B 85 25.06 8.08 -6.74
N THR B 86 25.55 6.85 -6.87
CA THR B 86 24.87 5.87 -7.73
C THR B 86 23.85 4.95 -7.05
N THR B 87 23.82 4.91 -5.72
CA THR B 87 22.72 4.25 -5.02
C THR B 87 22.16 5.20 -3.97
N ARG B 88 21.00 4.84 -3.42
CA ARG B 88 20.37 5.61 -2.35
C ARG B 88 21.32 5.73 -1.19
N GLU B 89 21.97 4.62 -0.83
CA GLU B 89 22.86 4.59 0.32
C GLU B 89 24.13 5.38 0.05
N LEU B 90 24.68 5.26 -1.15
CA LEU B 90 25.89 6.01 -1.47
C LEU B 90 25.59 7.51 -1.40
N SER B 91 24.39 7.92 -1.77
CA SER B 91 24.03 9.34 -1.75
C SER B 91 23.82 9.85 -0.34
N THR B 92 23.14 9.06 0.47
CA THR B 92 22.98 9.40 1.87
C THR B 92 24.37 9.57 2.52
N PHE B 93 25.30 8.68 2.21
CA PHE B 93 26.61 8.74 2.83
C PHE B 93 27.32 10.01 2.42
N GLU B 94 27.03 10.51 1.21
CA GLU B 94 27.59 11.77 0.76
C GLU B 94 27.01 12.90 1.60
N GLY B 95 25.77 12.75 2.02
CA GLY B 95 25.18 13.71 2.94
C GLY B 95 25.85 13.64 4.29
N LEU B 96 26.00 12.42 4.81
CA LEU B 96 26.63 12.19 6.11
C LEU B 96 28.05 12.76 6.22
N LYS B 97 28.90 12.51 5.22
CA LYS B 97 30.25 13.09 5.21
C LYS B 97 30.19 14.61 5.16
N ALA B 98 29.10 15.17 4.65
CA ALA B 98 29.03 16.63 4.55
C ALA B 98 28.57 17.36 5.83
N LEU B 99 28.05 16.60 6.81
CA LEU B 99 27.52 17.16 8.05
C LEU B 99 28.51 18.02 8.82
N ASP B 100 28.03 19.08 9.45
CA ASP B 100 28.86 19.91 10.30
C ASP B 100 29.50 19.05 11.40
N PRO B 101 30.79 19.28 11.67
CA PRO B 101 31.49 18.57 12.75
C PRO B 101 30.77 18.59 14.09
N GLN B 102 29.96 19.62 14.35
CA GLN B 102 29.16 19.70 15.59
C GLN B 102 27.97 18.76 15.58
N SER B 103 27.59 18.26 14.40
CA SER B 103 26.34 17.52 14.27
C SER B 103 26.28 16.34 15.23
N GLU B 104 25.22 16.29 16.03
CA GLU B 104 25.03 15.20 16.96
C GLU B 104 23.82 14.34 16.64
N LEU B 105 22.84 14.93 15.94
CA LEU B 105 21.64 14.21 15.53
C LEU B 105 21.35 14.50 14.07
N VAL B 106 20.94 13.50 13.31
CA VAL B 106 20.63 13.76 11.90
C VAL B 106 19.25 13.26 11.53
N LEU B 107 18.48 14.13 10.89
CA LEU B 107 17.20 13.73 10.31
C LEU B 107 17.36 13.56 8.80
N THR B 108 16.70 12.56 8.22
CA THR B 108 16.74 12.40 6.78
C THR B 108 15.33 12.48 6.23
N HIS B 109 15.17 13.04 5.03
CA HIS B 109 13.83 13.13 4.44
C HIS B 109 13.89 13.13 2.94
N ASP B 110 12.93 12.46 2.30
CA ASP B 110 12.86 12.44 0.83
C ASP B 110 12.43 13.78 0.28
N GLY B 111 13.19 14.32 -0.66
CA GLY B 111 12.80 15.58 -1.29
C GLY B 111 11.48 15.51 -2.04
N VAL B 112 11.07 14.31 -2.41
CA VAL B 112 9.84 14.15 -3.19
C VAL B 112 8.64 13.75 -2.32
N ARG B 113 8.73 14.03 -1.02
CA ARG B 113 7.59 13.91 -0.11
C ARG B 113 7.31 15.29 0.44
N PRO B 114 6.57 16.11 -0.34
CA PRO B 114 6.44 17.51 0.03
C PRO B 114 5.42 17.75 1.14
N PHE B 115 4.56 16.77 1.43
CA PHE B 115 3.41 17.00 2.32
C PHE B 115 3.63 16.65 3.79
N ALA B 116 4.83 16.18 4.13
CA ALA B 116 5.18 15.93 5.52
C ALA B 116 4.94 17.22 6.30
N SER B 117 4.08 17.17 7.31
CA SER B 117 3.79 18.37 8.08
C SER B 117 4.97 18.73 8.97
N GLU B 118 5.03 20.00 9.35
CA GLU B 118 5.98 20.48 10.35
C GLU B 118 5.87 19.65 11.64
N GLU B 119 4.65 19.37 12.05
CA GLU B 119 4.41 18.52 13.23
C GLU B 119 5.13 17.17 13.14
N LEU B 120 5.13 16.54 11.98
CA LEU B 120 5.78 15.24 11.81
C LEU B 120 7.30 15.32 11.97
N PHE B 121 7.91 16.40 11.48
CA PHE B 121 9.35 16.57 11.68
C PHE B 121 9.64 16.77 13.17
N LEU B 122 8.83 17.61 13.81
CA LEU B 122 8.95 17.85 15.24
C LEU B 122 8.81 16.58 16.07
N LYS B 123 7.83 15.75 15.72
CA LYS B 123 7.57 14.50 16.42
C LYS B 123 8.74 13.53 16.28
N THR B 124 9.30 13.48 15.07
CA THR B 124 10.46 12.63 14.83
C THR B 124 11.64 13.11 15.67
N ILE B 125 11.81 14.44 15.75
CA ILE B 125 12.93 15.00 16.49
C ILE B 125 12.81 14.74 18.00
N ASN B 126 11.63 14.98 18.57
CA ASN B 126 11.36 14.76 19.98
C ASN B 126 11.53 13.30 20.41
N ALA B 127 11.36 12.37 19.46
CA ALA B 127 11.55 10.95 19.78
C ALA B 127 13.03 10.64 20.01
N LEU B 128 13.91 11.53 19.56
CA LEU B 128 15.35 11.38 19.80
C LEU B 128 15.76 11.64 21.24
N ARG B 129 14.82 12.10 22.06
CA ARG B 129 15.16 12.41 23.45
C ARG B 129 15.57 11.14 24.18
N LYS B 130 14.89 10.05 23.86
CA LYS B 130 15.08 8.80 24.58
C LYS B 130 15.42 7.65 23.63
N ASN B 131 15.57 7.96 22.35
CA ASN B 131 15.92 6.92 21.40
C ASN B 131 17.07 7.34 20.48
N LYS B 132 17.83 6.36 20.01
CA LYS B 132 18.95 6.64 19.12
C LYS B 132 18.57 6.49 17.65
N ALA B 133 17.45 5.81 17.38
CA ALA B 133 16.97 5.62 16.02
C ALA B 133 15.45 5.80 15.97
N VAL B 134 14.97 6.59 15.02
CA VAL B 134 13.54 6.89 14.91
C VAL B 134 13.10 6.79 13.47
N ILE B 135 11.96 6.16 13.22
CA ILE B 135 11.40 6.16 11.87
C ILE B 135 9.92 6.54 11.87
N THR B 136 9.42 7.03 10.73
CA THR B 136 7.99 7.32 10.62
C THR B 136 7.34 6.20 9.82
N ALA B 137 6.10 5.87 10.15
CA ALA B 137 5.41 4.76 9.50
C ALA B 137 3.93 4.82 9.76
N THR B 138 3.14 4.17 8.90
CA THR B 138 1.71 4.15 9.10
C THR B 138 1.18 2.73 8.99
N LYS B 139 0.18 2.42 9.81
CA LYS B 139 -0.41 1.08 9.74
C LYS B 139 -0.95 0.86 8.33
N SER B 140 -0.62 -0.29 7.74
CA SER B 140 -1.01 -0.55 6.36
C SER B 140 -2.51 -0.67 6.28
N LYS B 141 -3.12 0.09 5.36
CA LYS B 141 -4.55 -0.06 5.12
C LYS B 141 -4.82 -1.26 4.25
N ASP B 142 -3.82 -1.66 3.46
CA ASP B 142 -3.96 -2.86 2.62
C ASP B 142 -3.50 -4.08 3.40
N THR B 143 -4.27 -5.17 3.36
CA THR B 143 -3.92 -6.36 4.12
C THR B 143 -2.67 -7.00 3.53
N VAL B 144 -1.68 -7.28 4.38
CA VAL B 144 -0.43 -7.91 3.96
C VAL B 144 -0.48 -9.41 4.25
N LYS B 145 0.10 -10.19 3.34
CA LYS B 145 0.45 -11.59 3.62
C LYS B 145 1.91 -11.85 3.35
N ILE B 146 2.52 -12.75 4.13
CA ILE B 146 3.87 -13.21 3.83
C ILE B 146 3.68 -14.45 2.99
N ILE B 147 4.36 -14.50 1.85
N ILE B 147 4.43 -14.50 1.88
CA ILE B 147 4.17 -15.62 0.95
CA ILE B 147 4.25 -15.52 0.86
C ILE B 147 5.50 -16.33 0.79
C ILE B 147 5.55 -16.30 0.70
N ASP B 148 5.46 -17.60 0.38
CA ASP B 148 6.68 -18.41 0.24
C ASP B 148 7.24 -18.38 -1.18
N ASP B 149 8.33 -19.09 -1.41
CA ASP B 149 9.01 -19.02 -2.69
C ASP B 149 8.30 -19.81 -3.79
N ASP B 150 7.18 -20.46 -3.46
CA ASP B 150 6.37 -21.16 -4.45
C ASP B 150 5.02 -20.43 -4.69
N MSE B 151 4.96 -19.18 -4.27
CA MSE B 151 3.77 -18.33 -4.43
C MSE B 151 2.56 -19.00 -3.76
O MSE B 151 1.49 -19.08 -4.35
CB MSE B 151 3.47 -18.05 -5.91
CG MSE B 151 4.54 -17.21 -6.61
SE MSE B 151 4.48 -15.40 -5.91
CE MSE B 151 2.82 -14.85 -6.78
N TYR B 152 2.77 -19.51 -2.55
CA TYR B 152 1.68 -19.90 -1.66
C TYR B 152 1.76 -19.04 -0.42
N VAL B 153 0.62 -18.75 0.20
CA VAL B 153 0.64 -17.96 1.43
C VAL B 153 1.39 -18.72 2.53
N ASP B 154 2.33 -18.02 3.20
CA ASP B 154 2.97 -18.58 4.40
C ASP B 154 2.04 -18.31 5.57
N PHE B 155 1.80 -17.03 5.84
CA PHE B 155 0.86 -16.62 6.90
C PHE B 155 0.43 -15.17 6.75
N THR B 156 -0.59 -14.78 7.51
CA THR B 156 -1.08 -13.40 7.50
C THR B 156 -0.70 -12.80 8.82
N PRO B 157 0.18 -11.78 8.82
CA PRO B 157 0.58 -11.20 10.12
C PRO B 157 -0.59 -10.47 10.74
N ASN B 158 -0.56 -10.28 12.05
CA ASN B 158 -1.55 -9.44 12.72
C ASN B 158 -1.52 -8.02 12.13
N ARG B 159 -2.65 -7.59 11.56
CA ARG B 159 -2.66 -6.33 10.82
C ARG B 159 -2.42 -5.09 11.70
N ASP B 160 -2.61 -5.20 12.99
CA ASP B 160 -2.38 -4.05 13.87
C ASP B 160 -0.89 -3.77 14.05
N TYR B 161 -0.05 -4.67 13.55
CA TYR B 161 1.38 -4.50 13.75
C TYR B 161 2.14 -4.38 12.45
N VAL B 162 1.40 -4.32 11.34
CA VAL B 162 2.01 -4.17 10.02
C VAL B 162 2.03 -2.70 9.60
N TYR B 163 3.24 -2.15 9.46
CA TYR B 163 3.38 -0.73 9.15
C TYR B 163 4.19 -0.48 7.88
N ASN B 164 3.78 0.53 7.10
CA ASN B 164 4.53 0.97 5.92
C ASN B 164 5.40 2.19 6.28
N ILE B 165 6.71 2.12 6.04
CA ILE B 165 7.55 3.24 6.40
C ILE B 165 7.38 4.36 5.40
N GLN B 166 7.69 5.58 5.84
CA GLN B 166 7.77 6.72 4.93
C GLN B 166 9.01 7.50 5.37
N THR B 167 9.04 8.81 5.21
CA THR B 167 10.13 9.60 5.80
C THR B 167 9.47 10.83 6.44
N PRO B 168 10.14 11.49 7.41
CA PRO B 168 11.54 11.42 7.85
C PRO B 168 11.91 10.25 8.75
N GLN B 169 13.23 10.04 8.86
CA GLN B 169 13.81 9.17 9.87
C GLN B 169 14.84 10.03 10.61
N ALA B 170 15.28 9.62 11.80
CA ALA B 170 16.34 10.35 12.48
C ALA B 170 17.16 9.46 13.41
N PHE B 171 18.41 9.88 13.67
CA PHE B 171 19.36 9.02 14.37
C PHE B 171 20.37 9.85 15.16
N ASP B 172 20.96 9.22 16.16
CA ASP B 172 22.23 9.67 16.71
C ASP B 172 23.25 9.66 15.57
N LYS B 173 23.88 10.80 15.31
CA LYS B 173 24.73 10.96 14.13
C LYS B 173 25.96 10.07 14.14
N LYS B 174 26.68 10.03 15.27
CA LYS B 174 27.82 9.15 15.39
C LYS B 174 27.41 7.69 15.17
N LEU B 175 26.29 7.29 15.75
CA LEU B 175 25.78 5.94 15.57
C LEU B 175 25.59 5.51 14.11
N ILE B 176 24.73 6.23 13.39
N ILE B 176 24.71 6.17 13.36
CA ILE B 176 24.39 5.88 12.02
CA ILE B 176 24.46 5.74 11.99
C ILE B 176 25.57 6.03 11.05
C ILE B 176 25.67 5.92 11.07
N TYR B 177 26.51 6.91 11.38
CA TYR B 177 27.72 7.07 10.58
C TYR B 177 28.54 5.80 10.70
N ALA B 178 28.71 5.31 11.93
CA ALA B 178 29.51 4.10 12.15
C ALA B 178 28.85 2.90 11.46
N MSE B 179 27.53 2.86 11.53
CA MSE B 179 26.71 1.87 10.84
C MSE B 179 26.86 1.95 9.34
O MSE B 179 26.89 0.92 8.65
CB MSE B 179 25.26 2.10 11.19
CG MSE B 179 24.98 2.11 12.66
SE MSE B 179 24.60 0.35 13.25
CE MSE B 179 22.76 0.41 12.74
N TYR B 180 26.90 3.17 8.79
CA TYR B 180 27.05 3.35 7.36
C TYR B 180 28.41 2.87 6.88
N GLU B 181 29.42 3.13 7.70
CA GLU B 181 30.77 2.70 7.38
C GLU B 181 30.83 1.19 7.37
N LYS B 182 30.14 0.54 8.31
CA LYS B 182 30.13 -0.91 8.34
C LYS B 182 29.30 -1.45 7.18
N TYR B 183 28.27 -0.71 6.78
CA TYR B 183 27.44 -1.10 5.67
C TYR B 183 28.25 -1.16 4.36
N LEU B 184 29.07 -0.14 4.14
CA LEU B 184 29.84 -0.04 2.90
C LEU B 184 31.02 -1.02 2.86
N ALA B 185 31.39 -1.54 4.01
CA ALA B 185 32.42 -2.58 4.08
C ALA B 185 31.79 -3.98 3.88
N SER B 186 30.48 -4.02 3.64
CA SER B 186 29.78 -5.31 3.58
C SER B 186 29.13 -5.59 2.24
N GLU B 187 28.64 -6.82 2.09
CA GLU B 187 27.91 -7.23 0.91
C GLU B 187 26.41 -7.36 1.21
N PHE B 188 25.94 -6.58 2.18
CA PHE B 188 24.54 -6.58 2.58
C PHE B 188 23.72 -5.59 1.75
N LYS B 189 22.46 -5.94 1.52
CA LYS B 189 21.51 -5.01 0.91
C LYS B 189 20.44 -4.71 1.94
N VAL B 190 20.09 -3.43 2.08
CA VAL B 190 19.10 -3.04 3.07
C VAL B 190 17.92 -2.32 2.42
N THR B 191 16.74 -2.48 3.03
CA THR B 191 15.52 -1.81 2.60
C THR B 191 15.55 -0.30 2.90
N ASP B 192 16.14 0.06 4.03
CA ASP B 192 16.19 1.45 4.48
C ASP B 192 17.25 1.54 5.58
N ASP B 193 17.56 2.76 6.02
CA ASP B 193 18.66 2.94 6.97
C ASP B 193 18.40 2.22 8.29
N SER B 194 17.13 2.18 8.71
CA SER B 194 16.83 1.62 10.01
C SER B 194 17.04 0.10 10.06
N GLN B 195 17.11 -0.53 8.90
CA GLN B 195 17.35 -1.97 8.88
C GLN B 195 18.79 -2.27 9.30
N LEU B 196 19.64 -1.24 9.27
CA LEU B 196 21.03 -1.41 9.66
C LEU B 196 21.15 -1.92 11.10
N PHE B 197 20.20 -1.55 11.96
CA PHE B 197 20.23 -1.92 13.38
C PHE B 197 19.92 -3.39 13.59
N GLU B 198 19.24 -3.99 12.61
CA GLU B 198 19.02 -5.43 12.58
C GLU B 198 20.24 -6.17 12.05
N PHE B 199 20.74 -5.74 10.90
CA PHE B 199 21.87 -6.42 10.25
C PHE B 199 23.12 -6.44 11.12
N PHE B 200 23.31 -5.38 11.89
CA PHE B 200 24.50 -5.28 12.72
C PHE B 200 24.15 -5.45 14.20
N ASP B 201 23.28 -6.42 14.47
CA ASP B 201 22.96 -6.94 15.81
C ASP B 201 22.96 -5.89 16.93
N ARG B 202 22.14 -4.86 16.78
CA ARG B 202 22.13 -3.78 17.77
C ARG B 202 21.18 -4.01 18.92
N ASP B 203 21.57 -3.54 20.09
CA ASP B 203 20.70 -3.53 21.26
C ASP B 203 19.84 -2.27 21.21
N GLU B 204 20.23 -1.33 20.33
CA GLU B 204 19.49 -0.09 20.18
C GLU B 204 18.16 -0.39 19.51
N LYS B 205 17.08 0.04 20.16
CA LYS B 205 15.74 -0.13 19.61
C LYS B 205 15.38 0.99 18.63
N VAL B 206 14.68 0.65 17.56
CA VAL B 206 14.27 1.68 16.62
C VAL B 206 12.85 2.09 16.91
N LYS B 207 12.67 3.35 17.32
CA LYS B 207 11.35 3.85 17.69
C LYS B 207 10.53 4.21 16.47
N VAL B 208 9.23 3.93 16.50
CA VAL B 208 8.33 4.26 15.40
C VAL B 208 7.46 5.44 15.81
N VAL B 209 7.37 6.43 14.93
CA VAL B 209 6.49 7.58 15.15
C VAL B 209 5.39 7.47 14.10
N HIS B 210 4.12 7.61 14.51
CA HIS B 210 3.00 7.53 13.54
C HIS B 210 3.17 8.62 12.48
N GLY B 211 3.16 8.24 11.21
CA GLY B 211 3.28 9.22 10.16
C GLY B 211 1.90 9.65 9.67
N GLU B 212 1.86 10.19 8.46
CA GLU B 212 0.63 10.74 7.87
C GLU B 212 0.32 10.00 6.58
N TYR B 213 -0.94 9.66 6.35
CA TYR B 213 -1.28 8.95 5.11
C TYR B 213 -1.14 9.87 3.88
N SER B 214 -1.25 11.17 4.11
CA SER B 214 -1.05 12.16 3.04
C SER B 214 0.43 12.43 2.74
N ASN B 215 1.35 11.79 3.48
CA ASN B 215 2.78 12.03 3.24
C ASN B 215 3.32 11.13 2.12
N ILE B 216 2.75 11.28 0.91
CA ILE B 216 3.11 10.44 -0.22
C ILE B 216 4.35 10.88 -0.98
N LYS B 217 4.94 9.94 -1.72
CA LYS B 217 6.01 10.19 -2.68
C LYS B 217 5.40 10.68 -3.98
N ILE B 218 5.99 11.72 -4.57
CA ILE B 218 5.48 12.20 -5.85
C ILE B 218 6.50 11.91 -6.94
N THR B 219 6.24 10.85 -7.70
CA THR B 219 7.13 10.36 -8.75
C THR B 219 6.44 10.27 -10.12
N THR B 220 5.28 9.60 -10.15
CA THR B 220 4.56 9.39 -11.41
C THR B 220 3.72 10.61 -11.80
N GLN B 221 3.23 10.60 -13.05
CA GLN B 221 2.44 11.71 -13.57
C GLN B 221 1.11 11.88 -12.82
N GLU B 222 0.58 10.78 -12.31
CA GLU B 222 -0.71 10.79 -11.65
C GLU B 222 -0.63 11.34 -10.24
N ASP B 223 0.48 11.05 -9.56
CA ASP B 223 0.78 11.63 -8.25
C ASP B 223 0.70 13.16 -8.33
N ILE B 224 1.31 13.73 -9.36
CA ILE B 224 1.26 15.17 -9.62
C ILE B 224 -0.18 15.71 -9.67
N ILE B 225 -1.01 15.08 -10.50
CA ILE B 225 -2.44 15.42 -10.55
C ILE B 225 -3.09 15.28 -9.19
N PHE B 226 -2.88 14.12 -8.54
CA PHE B 226 -3.42 13.89 -7.21
C PHE B 226 -2.93 14.98 -6.26
N ALA B 227 -1.64 15.32 -6.37
CA ALA B 227 -1.02 16.32 -5.49
C ALA B 227 -1.60 17.72 -5.68
N ASN B 228 -1.93 18.07 -6.92
CA ASN B 228 -2.55 19.36 -7.21
C ASN B 228 -3.94 19.45 -6.57
N ALA B 229 -4.65 18.33 -6.55
CA ALA B 229 -5.99 18.29 -5.96
C ALA B 229 -5.92 18.35 -4.43
N TYR B 230 -4.97 17.62 -3.85
CA TYR B 230 -4.79 17.63 -2.40
C TYR B 230 -4.52 19.05 -1.86
N LEU B 231 -3.65 19.82 -2.52
CA LEU B 231 -3.42 21.23 -2.15
C LEU B 231 -4.70 22.08 -2.16
N GLN B 232 -5.57 21.82 -3.15
CA GLN B 232 -6.81 22.57 -3.29
C GLN B 232 -7.84 22.27 -2.18
N ARG B 233 -7.73 21.10 -1.56
CA ARG B 233 -8.56 20.78 -0.40
C ARG B 233 -7.84 21.14 0.90
CL CL C . 13.05 -8.98 16.73
NA NA D . 4.68 -22.33 4.72
#